data_4BN4
#
_entry.id   4BN4
#
_cell.length_a   63.900
_cell.length_b   66.670
_cell.length_c   66.850
_cell.angle_alpha   90.00
_cell.angle_beta   90.00
_cell.angle_gamma   90.00
#
_symmetry.space_group_name_H-M   'P 21 21 21'
#
loop_
_entity.id
_entity.type
_entity.pdbx_description
1 polymer 'NAD-DEPENDENT PROTEIN DEACETYLASE SIRTUIN-3, MITOCHONDRIAL'
2 non-polymer 'ZINC ION'
3 non-polymer 'SODIUM ION'
4 non-polymer '[(2R,3S,4R,5R)-5-(6-AMINOPURIN-9-YL)-3,4-DIHYDROXY-OXOLAN-2-YL]METHYL [HYDROXY-[[(2R,3S,4R,5S)-3,4,5-TRIHYDROXYOXOLAN-2-YL]METHOXY]PHOSPHORYL] HYDROGEN PHOSPHATE'
5 non-polymer '2-[2-[2-[2-[2-(2-hydroxyethyloxy)ethoxy]ethoxy]ethoxy]ethoxy]ethanoic acid'
6 water water
#
_entity_poly.entity_id   1
_entity_poly.type   'polypeptide(L)'
_entity_poly.pdbx_seq_one_letter_code
;GSSDKGKLSLQDVAELIRARACQRVVVMVGAGISTPSGIPDFRSPGSGLYSNLQQYDLPYPEAIFELPFFFHNPKPFFTL
AKELYPGNYKPNVTHYFLRLLHDKGLLLRLYTQNIDGLERVSGIPASKLVEAHGTFASATCTVCQRPFPGEDIRADVMAD
RVPRCPVCTGVVKPDIVFFGEPLPQRFLLHVVDFPMADLLLILGTSLEVEPFASLTEAVRSSVPRLLINRDLVGPLAWHP
RSRDVAQLGDVVHGVESLVELLGWTEEMRDLVQRETGKLDGPDK
;
_entity_poly.pdbx_strand_id   A
#
# COMPACT_ATOMS: atom_id res chain seq x y z
N GLY A 6 -23.69 -7.36 -18.57
CA GLY A 6 -24.41 -6.45 -17.64
C GLY A 6 -23.54 -6.27 -16.41
N LYS A 7 -23.07 -5.07 -16.17
CA LYS A 7 -22.10 -4.81 -15.11
C LYS A 7 -22.42 -3.47 -14.44
N LEU A 8 -22.06 -3.34 -13.16
CA LEU A 8 -22.00 -2.03 -12.51
C LEU A 8 -21.00 -1.14 -13.23
N SER A 9 -21.25 0.14 -13.10
CA SER A 9 -20.38 1.16 -13.66
C SER A 9 -19.58 1.85 -12.51
N LEU A 10 -18.56 2.61 -12.95
CA LEU A 10 -17.78 3.43 -11.96
C LEU A 10 -18.73 4.40 -11.28
N GLN A 11 -19.68 4.97 -12.08
CA GLN A 11 -20.67 5.88 -11.51
C GLN A 11 -21.51 5.20 -10.45
N ASP A 12 -21.96 3.95 -10.67
CA ASP A 12 -22.68 3.26 -9.68
C ASP A 12 -21.94 3.21 -8.30
N VAL A 13 -20.62 2.93 -8.41
CA VAL A 13 -19.86 2.88 -7.16
C VAL A 13 -19.77 4.27 -6.52
N ALA A 14 -19.48 5.29 -7.35
CA ALA A 14 -19.52 6.67 -6.90
C ALA A 14 -20.79 7.00 -6.13
N GLU A 15 -21.93 6.63 -6.77
CA GLU A 15 -23.17 6.98 -6.12
C GLU A 15 -23.48 6.23 -4.86
N LEU A 16 -22.99 4.98 -4.70
CA LEU A 16 -23.08 4.29 -3.44
C LEU A 16 -22.34 5.05 -2.34
N ILE A 17 -21.15 5.57 -2.66
CA ILE A 17 -20.35 6.30 -1.67
C ILE A 17 -21.03 7.65 -1.37
N ARG A 18 -21.42 8.36 -2.44
CA ARG A 18 -21.98 9.73 -2.29
C ARG A 18 -23.18 9.72 -1.39
N ALA A 19 -23.99 8.69 -1.56
CA ALA A 19 -25.20 8.55 -0.73
C ALA A 19 -24.97 7.99 0.68
N ARG A 20 -23.72 7.59 0.95
CA ARG A 20 -23.44 6.89 2.20
C ARG A 20 -24.14 5.57 2.34
N ALA A 21 -24.45 4.98 1.18
CA ALA A 21 -24.92 3.61 1.12
C ALA A 21 -23.87 2.57 1.42
N CYS A 22 -22.68 2.92 1.02
CA CYS A 22 -21.44 2.23 1.42
C CYS A 22 -20.75 3.18 2.40
N GLN A 23 -20.59 2.76 3.64
CA GLN A 23 -20.00 3.52 4.73
C GLN A 23 -18.86 2.83 5.41
N ARG A 24 -18.55 1.60 4.94
CA ARG A 24 -17.52 0.72 5.53
CA ARG A 24 -17.47 0.77 5.54
C ARG A 24 -16.54 0.19 4.47
N VAL A 25 -15.82 1.14 3.86
CA VAL A 25 -15.01 0.84 2.68
C VAL A 25 -13.70 0.24 3.16
N VAL A 26 -13.34 -0.93 2.64
CA VAL A 26 -12.01 -1.48 2.80
C VAL A 26 -11.22 -1.25 1.55
N VAL A 27 -9.98 -0.87 1.74
CA VAL A 27 -9.15 -0.48 0.63
C VAL A 27 -7.91 -1.37 0.66
N MET A 28 -7.46 -1.91 -0.47
CA MET A 28 -6.27 -2.69 -0.64
C MET A 28 -5.43 -2.01 -1.69
N VAL A 29 -4.14 -1.76 -1.38
CA VAL A 29 -3.27 -1.09 -2.33
C VAL A 29 -1.91 -1.78 -2.49
N GLY A 30 -1.30 -1.52 -3.64
CA GLY A 30 0.10 -1.90 -3.88
C GLY A 30 0.86 -0.81 -4.56
N ALA A 31 1.97 -1.29 -5.10
CA ALA A 31 3.01 -0.34 -5.50
C ALA A 31 2.67 0.60 -6.66
N GLY A 32 1.65 0.21 -7.41
CA GLY A 32 1.16 1.08 -8.43
C GLY A 32 0.64 2.38 -7.89
N ILE A 33 0.17 2.46 -6.67
CA ILE A 33 -0.30 3.74 -6.20
C ILE A 33 0.77 4.75 -5.90
N SER A 34 2.03 4.33 -5.87
CA SER A 34 3.12 5.24 -5.56
C SER A 34 3.98 5.54 -6.74
N THR A 35 3.69 4.98 -7.93
CA THR A 35 4.37 5.42 -9.13
C THR A 35 4.09 6.91 -9.46
N PRO A 36 2.86 7.45 -9.18
CA PRO A 36 2.70 8.85 -9.45
C PRO A 36 3.47 9.75 -8.46
N SER A 37 3.92 9.19 -7.33
CA SER A 37 4.81 9.91 -6.45
C SER A 37 6.25 9.80 -6.84
N GLY A 38 6.55 9.03 -7.86
CA GLY A 38 7.91 8.88 -8.29
C GLY A 38 8.65 7.65 -7.90
N ILE A 39 7.98 6.70 -7.34
CA ILE A 39 8.59 5.46 -6.84
C ILE A 39 8.24 4.31 -7.78
N PRO A 40 9.25 3.60 -8.33
CA PRO A 40 8.89 2.48 -9.17
C PRO A 40 8.06 1.40 -8.41
N ASP A 41 7.26 0.61 -9.19
CA ASP A 41 6.68 -0.58 -8.68
C ASP A 41 7.65 -1.76 -8.80
N PHE A 42 7.14 -2.97 -8.54
CA PHE A 42 7.98 -4.18 -8.56
C PHE A 42 8.02 -4.83 -9.95
N ARG A 43 6.86 -4.95 -10.60
CA ARG A 43 6.73 -5.87 -11.70
C ARG A 43 6.41 -5.25 -13.06
N SER A 44 6.31 -3.93 -13.20
CA SER A 44 6.12 -3.34 -14.54
C SER A 44 7.39 -3.64 -15.36
N PRO A 45 7.17 -4.08 -16.62
CA PRO A 45 8.33 -4.28 -17.49
C PRO A 45 9.11 -2.99 -17.59
N GLY A 46 10.43 -3.10 -17.58
CA GLY A 46 11.23 -1.92 -17.84
C GLY A 46 11.54 -1.07 -16.64
N SER A 47 10.48 -0.54 -15.99
CA SER A 47 10.68 0.37 -14.88
C SER A 47 10.60 -0.30 -13.52
N GLY A 48 10.03 -1.53 -13.40
CA GLY A 48 9.87 -2.13 -12.10
C GLY A 48 11.17 -2.50 -11.46
N LEU A 49 11.15 -2.58 -10.14
CA LEU A 49 12.33 -2.88 -9.37
C LEU A 49 12.89 -4.22 -9.71
N TYR A 50 12.03 -5.20 -9.89
CA TYR A 50 12.52 -6.55 -10.13
C TYR A 50 13.15 -6.76 -11.50
N SER A 51 12.81 -5.96 -12.47
CA SER A 51 13.53 -5.97 -13.77
C SER A 51 14.92 -5.36 -13.61
N ASN A 52 15.07 -4.44 -12.69
CA ASN A 52 16.29 -3.73 -12.55
C ASN A 52 17.26 -4.26 -11.57
N LEU A 53 16.87 -5.22 -10.74
CA LEU A 53 17.81 -5.90 -9.84
C LEU A 53 18.39 -7.13 -10.51
N GLN A 54 17.75 -7.58 -11.60
CA GLN A 54 18.33 -8.65 -12.45
C GLN A 54 19.79 -8.36 -12.82
N GLN A 55 20.19 -7.09 -12.95
CA GLN A 55 21.52 -6.71 -13.40
CA GLN A 55 21.56 -6.79 -13.41
C GLN A 55 22.57 -6.67 -12.27
N TYR A 56 22.12 -6.87 -11.02
CA TYR A 56 23.03 -6.75 -9.87
C TYR A 56 23.34 -8.08 -9.25
N ASP A 57 24.27 -8.01 -8.27
CA ASP A 57 24.84 -9.25 -7.69
C ASP A 57 23.95 -9.77 -6.58
N LEU A 58 22.75 -10.19 -7.03
CA LEU A 58 21.79 -10.92 -6.25
C LEU A 58 21.48 -12.16 -7.09
N PRO A 59 21.20 -13.27 -6.45
CA PRO A 59 20.89 -14.46 -7.31
C PRO A 59 19.59 -14.29 -8.14
N TYR A 60 18.64 -13.50 -7.63
CA TYR A 60 17.40 -13.17 -8.31
C TYR A 60 16.86 -11.96 -7.52
N PRO A 61 15.93 -11.17 -8.12
CA PRO A 61 15.51 -9.87 -7.48
C PRO A 61 14.91 -10.01 -6.10
N GLU A 62 14.13 -11.06 -5.90
CA GLU A 62 13.45 -11.29 -4.68
C GLU A 62 14.37 -11.49 -3.44
N ALA A 63 15.65 -11.77 -3.72
CA ALA A 63 16.63 -11.96 -2.65
C ALA A 63 16.78 -10.71 -1.80
N ILE A 64 16.42 -9.54 -2.33
CA ILE A 64 16.50 -8.35 -1.50
C ILE A 64 15.60 -8.39 -0.29
N PHE A 65 14.59 -9.23 -0.30
CA PHE A 65 13.75 -9.47 0.85
C PHE A 65 13.80 -10.90 1.38
N GLU A 66 14.98 -11.51 1.25
CA GLU A 66 15.25 -12.84 1.82
C GLU A 66 16.37 -12.79 2.89
N LEU A 67 16.15 -13.47 3.98
CA LEU A 67 17.04 -13.43 5.12
C LEU A 67 18.41 -14.09 4.87
N PRO A 68 18.48 -15.21 4.16
CA PRO A 68 19.86 -15.76 3.91
C PRO A 68 20.73 -14.78 3.09
N PHE A 69 20.16 -14.19 2.06
CA PHE A 69 20.89 -13.22 1.27
C PHE A 69 21.23 -12.01 2.15
N PHE A 70 20.26 -11.56 2.95
CA PHE A 70 20.43 -10.40 3.77
C PHE A 70 21.67 -10.58 4.70
N PHE A 71 21.77 -11.77 5.28
CA PHE A 71 22.89 -12.03 6.22
C PHE A 71 24.22 -12.10 5.52
N HIS A 72 24.20 -12.62 4.29
CA HIS A 72 25.35 -12.58 3.39
C HIS A 72 25.79 -11.19 2.92
N ASN A 73 24.81 -10.32 2.66
CA ASN A 73 25.12 -8.99 2.16
C ASN A 73 23.89 -8.09 2.39
N PRO A 74 23.92 -7.29 3.43
CA PRO A 74 22.72 -6.49 3.79
C PRO A 74 22.70 -5.18 3.05
N LYS A 75 23.75 -4.86 2.30
CA LYS A 75 23.94 -3.57 1.66
C LYS A 75 22.81 -3.23 0.66
N PRO A 76 22.41 -4.16 -0.24
CA PRO A 76 21.34 -3.87 -1.19
C PRO A 76 20.05 -3.47 -0.46
N PHE A 77 19.68 -4.23 0.56
CA PHE A 77 18.47 -3.93 1.32
C PHE A 77 18.62 -2.55 1.97
N PHE A 78 19.72 -2.24 2.61
CA PHE A 78 19.87 -0.94 3.18
C PHE A 78 19.91 0.23 2.21
N THR A 79 20.32 0.00 0.98
CA THR A 79 20.27 1.00 -0.07
C THR A 79 18.82 1.32 -0.32
N LEU A 80 17.99 0.29 -0.36
CA LEU A 80 16.56 0.51 -0.51
C LEU A 80 15.96 1.21 0.70
N ALA A 81 16.37 0.84 1.91
CA ALA A 81 15.85 1.47 3.13
C ALA A 81 16.16 2.96 3.11
N LYS A 82 17.39 3.33 2.72
CA LYS A 82 17.79 4.72 2.72
C LYS A 82 16.90 5.55 1.77
N GLU A 83 16.54 4.98 0.64
CA GLU A 83 15.77 5.67 -0.37
C GLU A 83 14.31 5.85 0.14
N LEU A 84 13.76 4.89 0.86
CA LEU A 84 12.34 4.85 1.26
C LEU A 84 12.06 5.40 2.64
N TYR A 85 13.06 5.61 3.47
CA TYR A 85 12.86 6.22 4.76
C TYR A 85 12.18 7.58 4.52
N PRO A 86 11.27 8.00 5.42
CA PRO A 86 10.55 9.22 5.08
C PRO A 86 11.42 10.39 4.71
N GLY A 87 11.09 11.08 3.63
CA GLY A 87 11.80 12.24 3.29
C GLY A 87 11.92 12.51 1.85
N ASN A 88 11.95 11.50 0.98
CA ASN A 88 12.18 11.79 -0.40
C ASN A 88 10.94 11.87 -1.28
N TYR A 89 9.79 11.35 -0.79
CA TYR A 89 8.57 11.27 -1.63
C TYR A 89 7.40 11.84 -0.90
N LYS A 90 6.47 12.45 -1.64
CA LYS A 90 5.24 12.92 -1.09
C LYS A 90 4.10 12.00 -1.63
N PRO A 91 3.08 11.86 -0.77
CA PRO A 91 1.87 11.12 -1.24
C PRO A 91 1.25 11.86 -2.38
N ASN A 92 0.51 11.14 -3.24
CA ASN A 92 -0.09 11.75 -4.41
C ASN A 92 -1.59 11.74 -4.23
N VAL A 93 -2.32 12.21 -5.30
CA VAL A 93 -3.75 12.29 -5.18
CA VAL A 93 -3.78 12.25 -5.30
C VAL A 93 -4.41 10.93 -4.83
N THR A 94 -3.79 9.81 -5.21
CA THR A 94 -4.31 8.53 -4.82
CA THR A 94 -4.36 8.54 -4.81
C THR A 94 -4.38 8.37 -3.32
N HIS A 95 -3.25 8.70 -2.66
CA HIS A 95 -3.21 8.63 -1.24
C HIS A 95 -4.19 9.61 -0.56
N TYR A 96 -4.21 10.82 -1.10
CA TYR A 96 -5.09 11.82 -0.52
C TYR A 96 -6.57 11.60 -0.78
N PHE A 97 -6.92 10.86 -1.81
CA PHE A 97 -8.33 10.39 -1.92
C PHE A 97 -8.68 9.48 -0.77
N LEU A 98 -7.74 8.58 -0.37
CA LEU A 98 -8.00 7.72 0.75
C LEU A 98 -8.12 8.54 2.07
N ARG A 99 -7.28 9.58 2.22
CA ARG A 99 -7.41 10.46 3.34
C ARG A 99 -8.74 11.19 3.36
N LEU A 100 -9.27 11.58 2.21
CA LEU A 100 -10.55 12.26 2.13
C LEU A 100 -11.65 11.30 2.52
N LEU A 101 -11.56 10.06 2.02
CA LEU A 101 -12.55 9.06 2.43
CA LEU A 101 -12.55 8.99 2.51
C LEU A 101 -12.60 8.81 3.97
N HIS A 102 -11.40 8.77 4.58
CA HIS A 102 -11.23 8.68 5.97
CA HIS A 102 -11.27 8.64 6.01
C HIS A 102 -11.89 9.88 6.70
N ASP A 103 -11.59 11.08 6.22
CA ASP A 103 -12.05 12.30 6.89
C ASP A 103 -13.56 12.43 6.76
N LYS A 104 -14.19 11.81 5.75
CA LYS A 104 -15.66 11.73 5.64
C LYS A 104 -16.30 10.63 6.45
N GLY A 105 -15.50 9.82 7.16
CA GLY A 105 -16.01 8.79 8.05
C GLY A 105 -16.35 7.48 7.33
N LEU A 106 -15.80 7.30 6.10
CA LEU A 106 -16.24 6.13 5.30
CA LEU A 106 -16.20 6.19 5.18
C LEU A 106 -15.21 5.03 5.16
N LEU A 107 -14.00 5.24 5.70
CA LEU A 107 -12.94 4.25 5.58
C LEU A 107 -12.97 3.31 6.78
N LEU A 108 -13.22 2.03 6.57
CA LEU A 108 -13.13 1.03 7.60
C LEU A 108 -11.65 0.68 7.91
N ARG A 109 -10.91 0.44 6.84
CA ARG A 109 -9.49 0.13 6.94
C ARG A 109 -8.80 0.23 5.57
N LEU A 110 -7.53 0.55 5.67
CA LEU A 110 -6.65 0.58 4.53
CA LEU A 110 -6.61 0.63 4.53
C LEU A 110 -5.53 -0.42 4.71
N TYR A 111 -5.51 -1.43 3.86
CA TYR A 111 -4.51 -2.48 3.85
C TYR A 111 -3.52 -2.12 2.75
N THR A 112 -2.24 -2.08 3.09
CA THR A 112 -1.20 -1.82 2.13
C THR A 112 -0.08 -2.85 2.09
N GLN A 113 0.37 -3.16 0.90
CA GLN A 113 1.54 -3.97 0.67
C GLN A 113 2.82 -3.13 0.57
N ASN A 114 2.68 -1.81 0.44
CA ASN A 114 3.80 -0.91 0.21
C ASN A 114 4.60 -0.72 1.51
N ILE A 115 5.86 -0.42 1.29
CA ILE A 115 6.77 -0.10 2.43
C ILE A 115 7.26 1.30 2.42
N ASP A 116 6.79 2.10 1.48
CA ASP A 116 7.13 3.52 1.35
C ASP A 116 6.58 4.40 2.45
N GLY A 117 5.63 3.89 3.22
CA GLY A 117 5.07 4.64 4.30
C GLY A 117 4.21 5.81 3.93
N LEU A 118 3.81 5.91 2.66
CA LEU A 118 3.10 7.11 2.23
C LEU A 118 1.65 7.18 2.72
N GLU A 119 1.05 6.07 3.08
CA GLU A 119 -0.27 6.20 3.67
C GLU A 119 -0.23 6.91 5.03
N ARG A 120 0.75 6.53 5.86
CA ARG A 120 0.94 7.22 7.15
C ARG A 120 1.28 8.68 6.88
N VAL A 121 2.18 8.94 5.94
CA VAL A 121 2.58 10.30 5.56
C VAL A 121 1.43 11.16 5.12
N SER A 122 0.42 10.54 4.48
CA SER A 122 -0.80 11.22 4.01
C SER A 122 -1.82 11.48 5.06
N GLY A 123 -1.51 11.07 6.27
CA GLY A 123 -2.38 11.33 7.39
C GLY A 123 -3.44 10.29 7.73
N ILE A 124 -3.28 9.08 7.20
CA ILE A 124 -4.19 8.00 7.62
C ILE A 124 -3.80 7.61 9.06
N PRO A 125 -4.71 7.66 10.02
CA PRO A 125 -4.36 7.31 11.38
C PRO A 125 -3.90 5.87 11.51
N ALA A 126 -3.00 5.62 12.43
CA ALA A 126 -2.44 4.32 12.56
C ALA A 126 -3.55 3.25 12.82
N SER A 127 -4.63 3.61 13.49
CA SER A 127 -5.68 2.65 13.86
C SER A 127 -6.45 2.22 12.57
N LYS A 128 -6.37 3.06 11.53
CA LYS A 128 -7.12 2.83 10.30
C LYS A 128 -6.25 2.13 9.23
N LEU A 129 -4.98 1.85 9.52
CA LEU A 129 -4.04 1.41 8.58
CA LEU A 129 -3.98 1.37 8.56
C LEU A 129 -3.47 0.03 8.98
N VAL A 130 -3.30 -0.86 8.00
CA VAL A 130 -2.58 -2.12 8.20
C VAL A 130 -1.49 -2.16 7.19
N GLU A 131 -0.27 -1.94 7.69
CA GLU A 131 0.97 -1.98 6.93
CA GLU A 131 0.97 -1.99 6.86
C GLU A 131 1.40 -3.45 6.84
N ALA A 132 0.83 -4.19 5.92
CA ALA A 132 0.91 -5.64 5.95
C ALA A 132 2.24 -6.23 5.58
N HIS A 133 3.07 -5.43 4.95
CA HIS A 133 4.42 -5.85 4.69
C HIS A 133 5.49 -5.11 5.54
N GLY A 134 5.02 -4.53 6.61
CA GLY A 134 5.86 -3.89 7.60
C GLY A 134 6.14 -2.46 7.34
N THR A 135 7.13 -1.93 8.08
CA THR A 135 7.37 -0.52 8.10
C THR A 135 8.79 -0.19 8.48
N PHE A 136 9.26 0.94 7.99
CA PHE A 136 10.52 1.53 8.45
C PHE A 136 10.39 2.31 9.76
N ALA A 137 9.20 2.32 10.36
CA ALA A 137 8.95 2.99 11.62
C ALA A 137 9.56 2.26 12.81
N SER A 138 9.92 0.99 12.61
CA SER A 138 10.48 0.20 13.70
C SER A 138 11.49 -0.79 13.14
N ALA A 139 12.32 -1.36 14.04
CA ALA A 139 13.44 -2.25 13.63
C ALA A 139 13.74 -3.19 14.80
N THR A 140 14.39 -4.30 14.47
CA THR A 140 14.64 -5.38 15.39
C THR A 140 16.08 -5.90 15.17
N CYS A 141 16.84 -6.05 16.30
CA CYS A 141 18.14 -6.70 16.21
C CYS A 141 17.99 -8.11 15.75
N THR A 142 18.74 -8.48 14.72
CA THR A 142 18.64 -9.85 14.17
C THR A 142 19.23 -10.91 15.07
N VAL A 143 20.02 -10.50 16.06
CA VAL A 143 20.68 -11.46 16.99
C VAL A 143 19.92 -11.59 18.31
N CYS A 144 19.80 -10.48 19.04
CA CYS A 144 19.14 -10.47 20.35
C CYS A 144 17.63 -10.18 20.33
N GLN A 145 17.13 -9.76 19.17
CA GLN A 145 15.68 -9.49 19.01
C GLN A 145 15.19 -8.23 19.76
N ARG A 146 16.12 -7.38 20.19
CA ARG A 146 15.75 -6.11 20.84
C ARG A 146 14.99 -5.24 19.83
N PRO A 147 13.86 -4.66 20.23
CA PRO A 147 13.19 -3.75 19.30
C PRO A 147 13.76 -2.33 19.45
N PHE A 148 13.74 -1.60 18.34
CA PHE A 148 14.14 -0.20 18.22
C PHE A 148 13.12 0.60 17.42
N PRO A 149 12.90 1.84 17.83
CA PRO A 149 12.24 2.76 16.87
C PRO A 149 13.06 2.96 15.63
N GLY A 150 12.36 3.17 14.50
CA GLY A 150 13.10 3.42 13.26
C GLY A 150 13.95 4.63 13.27
N GLU A 151 13.49 5.61 14.06
CA GLU A 151 14.28 6.80 14.18
C GLU A 151 15.69 6.54 14.74
N ASP A 152 15.81 5.49 15.57
CA ASP A 152 17.17 5.16 16.15
C ASP A 152 18.24 4.87 15.11
N ILE A 153 17.85 4.20 14.01
CA ILE A 153 18.83 3.80 13.01
C ILE A 153 18.89 4.72 11.85
N ARG A 154 18.09 5.81 11.89
CA ARG A 154 18.02 6.66 10.73
C ARG A 154 19.38 7.25 10.32
N ALA A 155 20.16 7.72 11.33
CA ALA A 155 21.44 8.37 11.04
C ALA A 155 22.40 7.42 10.33
N ASP A 156 22.47 6.18 10.80
CA ASP A 156 23.30 5.14 10.13
C ASP A 156 22.82 4.85 8.72
N VAL A 157 21.50 4.64 8.57
CA VAL A 157 20.92 4.37 7.27
C VAL A 157 21.28 5.49 6.33
N MET A 158 21.07 6.75 6.75
CA MET A 158 21.38 7.84 5.85
C MET A 158 22.85 7.99 5.47
N ALA A 159 23.69 7.48 6.36
CA ALA A 159 25.13 7.56 6.20
C ALA A 159 25.76 6.40 5.42
N ASP A 160 24.94 5.55 4.82
CA ASP A 160 25.38 4.36 4.09
C ASP A 160 26.09 3.40 5.06
N ARG A 161 25.67 3.40 6.32
CA ARG A 161 26.21 2.50 7.36
C ARG A 161 25.21 1.44 7.80
N VAL A 162 25.65 0.20 7.89
CA VAL A 162 24.75 -0.85 8.30
C VAL A 162 24.63 -0.68 9.80
N PRO A 163 23.41 -0.44 10.30
CA PRO A 163 23.24 -0.22 11.71
C PRO A 163 23.50 -1.46 12.55
N ARG A 164 24.28 -1.26 13.61
CA ARG A 164 24.57 -2.32 14.55
C ARG A 164 23.95 -2.05 15.91
N CYS A 165 23.51 -3.13 16.53
CA CYS A 165 22.85 -3.09 17.82
C CYS A 165 23.81 -2.59 18.91
N PRO A 166 23.34 -1.66 19.80
CA PRO A 166 24.18 -1.10 20.87
C PRO A 166 24.67 -2.14 21.87
N VAL A 167 23.88 -3.19 22.07
CA VAL A 167 24.24 -4.21 23.04
C VAL A 167 25.07 -5.31 22.40
N CYS A 168 24.65 -5.87 21.27
CA CYS A 168 25.26 -7.17 20.90
C CYS A 168 26.15 -7.09 19.62
N THR A 169 26.06 -5.92 18.97
CA THR A 169 26.73 -5.55 17.70
C THR A 169 26.06 -6.21 16.46
N GLY A 170 25.03 -7.02 16.70
CA GLY A 170 24.19 -7.61 15.63
C GLY A 170 23.61 -6.60 14.65
N VAL A 171 23.38 -7.04 13.42
CA VAL A 171 22.68 -6.14 12.45
C VAL A 171 21.24 -5.89 12.89
N VAL A 172 20.89 -4.60 12.88
CA VAL A 172 19.56 -4.15 13.24
C VAL A 172 18.80 -3.98 11.91
N LYS A 173 17.78 -4.81 11.79
CA LYS A 173 16.97 -4.87 10.57
C LYS A 173 15.62 -4.15 10.75
N PRO A 174 15.35 -3.22 9.83
CA PRO A 174 13.97 -2.65 9.77
C PRO A 174 12.89 -3.70 9.71
N ASP A 175 11.72 -3.40 10.33
CA ASP A 175 10.59 -4.30 10.44
C ASP A 175 9.81 -4.44 9.13
N ILE A 176 10.53 -4.65 8.06
CA ILE A 176 10.00 -5.06 6.78
C ILE A 176 9.83 -6.54 6.75
N VAL A 177 8.67 -7.02 6.31
CA VAL A 177 8.48 -8.43 6.28
C VAL A 177 9.26 -9.05 5.13
N PHE A 178 10.12 -10.03 5.51
CA PHE A 178 10.87 -10.77 4.54
C PHE A 178 10.17 -12.07 4.20
N PHE A 179 10.64 -12.72 3.16
CA PHE A 179 10.04 -14.03 2.82
C PHE A 179 10.22 -15.00 3.95
N GLY A 180 9.11 -15.66 4.23
CA GLY A 180 9.06 -16.65 5.29
C GLY A 180 8.75 -16.10 6.67
N GLU A 181 8.72 -14.79 6.84
CA GLU A 181 8.44 -14.23 8.16
C GLU A 181 6.94 -14.06 8.34
N PRO A 182 6.48 -14.12 9.62
CA PRO A 182 5.09 -13.87 9.86
C PRO A 182 4.66 -12.44 9.50
N LEU A 183 3.43 -12.31 9.06
CA LEU A 183 2.88 -10.99 8.85
C LEU A 183 2.70 -10.28 10.18
N PRO A 184 2.63 -8.94 10.16
CA PRO A 184 2.50 -8.16 11.37
C PRO A 184 1.23 -8.42 12.15
N GLN A 185 1.28 -8.18 13.46
CA GLN A 185 0.13 -8.30 14.30
C GLN A 185 -1.15 -7.68 13.79
N ARG A 186 -1.01 -6.47 13.26
CA ARG A 186 -2.23 -5.75 12.82
C ARG A 186 -2.91 -6.44 11.65
N PHE A 187 -2.23 -7.33 10.95
CA PHE A 187 -2.88 -8.10 9.89
C PHE A 187 -4.06 -8.91 10.41
N LEU A 188 -4.09 -9.23 11.72
CA LEU A 188 -5.21 -9.92 12.39
C LEU A 188 -6.52 -9.25 12.15
N LEU A 189 -6.52 -7.95 11.96
CA LEU A 189 -7.77 -7.21 11.73
C LEU A 189 -8.53 -7.66 10.51
N HIS A 190 -7.89 -8.34 9.59
CA HIS A 190 -8.54 -8.67 8.34
CA HIS A 190 -8.56 -8.67 8.35
C HIS A 190 -9.76 -9.59 8.61
N VAL A 191 -9.67 -10.38 9.67
CA VAL A 191 -10.68 -11.35 10.08
C VAL A 191 -11.99 -10.64 10.33
N VAL A 192 -11.96 -9.48 10.95
CA VAL A 192 -13.16 -8.71 11.24
CA VAL A 192 -13.18 -8.76 11.21
C VAL A 192 -13.50 -7.79 10.04
N ASP A 193 -12.49 -7.16 9.45
CA ASP A 193 -12.75 -6.10 8.49
C ASP A 193 -13.36 -6.64 7.21
N PHE A 194 -12.87 -7.73 6.70
CA PHE A 194 -13.31 -8.20 5.42
C PHE A 194 -14.75 -8.66 5.41
N PRO A 195 -15.24 -9.35 6.43
CA PRO A 195 -16.70 -9.67 6.50
C PRO A 195 -17.56 -8.44 6.68
N MET A 196 -17.04 -7.42 7.32
CA MET A 196 -17.78 -6.16 7.51
C MET A 196 -17.83 -5.17 6.42
N ALA A 197 -16.91 -5.29 5.46
CA ALA A 197 -16.74 -4.31 4.39
C ALA A 197 -18.08 -4.27 3.62
N ASP A 198 -18.50 -3.04 3.31
CA ASP A 198 -19.60 -2.90 2.37
C ASP A 198 -19.19 -2.47 0.97
N LEU A 199 -17.89 -2.29 0.72
CA LEU A 199 -17.30 -1.91 -0.54
C LEU A 199 -15.81 -2.25 -0.42
N LEU A 200 -15.26 -2.88 -1.46
CA LEU A 200 -13.82 -3.14 -1.57
C LEU A 200 -13.25 -2.35 -2.73
N LEU A 201 -12.20 -1.55 -2.43
CA LEU A 201 -11.46 -0.85 -3.48
CA LEU A 201 -11.48 -0.80 -3.41
C LEU A 201 -10.10 -1.42 -3.53
N ILE A 202 -9.61 -1.72 -4.74
CA ILE A 202 -8.32 -2.38 -4.98
C ILE A 202 -7.58 -1.45 -5.96
N LEU A 203 -6.42 -0.92 -5.53
CA LEU A 203 -5.73 0.07 -6.30
CA LEU A 203 -5.71 0.02 -6.38
C LEU A 203 -4.28 -0.37 -6.55
N GLY A 204 -3.84 -0.33 -7.80
CA GLY A 204 -2.38 -0.41 -8.08
C GLY A 204 -1.67 -1.63 -7.50
N THR A 205 -2.21 -2.83 -7.72
CA THR A 205 -1.57 -4.06 -7.30
C THR A 205 -1.80 -5.08 -8.39
N SER A 206 -0.77 -5.93 -8.62
CA SER A 206 -0.90 -7.02 -9.57
C SER A 206 -1.57 -8.23 -9.01
N LEU A 207 -1.88 -8.29 -7.72
CA LEU A 207 -2.46 -9.43 -7.06
C LEU A 207 -1.77 -10.76 -7.39
N GLU A 208 -0.46 -10.70 -7.48
CA GLU A 208 0.41 -11.91 -7.74
C GLU A 208 0.81 -12.59 -6.51
N VAL A 209 0.70 -11.94 -5.37
CA VAL A 209 1.31 -12.34 -4.08
C VAL A 209 0.19 -12.53 -3.09
N GLU A 210 0.26 -13.57 -2.29
CA GLU A 210 -0.64 -13.77 -1.17
C GLU A 210 -0.05 -12.95 -0.03
N PRO A 211 -0.92 -12.53 0.92
CA PRO A 211 -2.35 -12.84 1.08
C PRO A 211 -3.28 -11.93 0.33
N PHE A 212 -2.78 -10.89 -0.35
CA PHE A 212 -3.69 -9.91 -0.94
C PHE A 212 -4.49 -10.52 -2.08
N ALA A 213 -3.94 -11.47 -2.82
CA ALA A 213 -4.73 -12.07 -3.94
C ALA A 213 -5.99 -12.71 -3.37
N SER A 214 -5.86 -13.55 -2.34
CA SER A 214 -7.02 -14.20 -1.77
C SER A 214 -7.92 -13.27 -0.95
N LEU A 215 -7.33 -12.20 -0.37
CA LEU A 215 -8.15 -11.30 0.41
C LEU A 215 -9.24 -10.64 -0.45
N THR A 216 -9.00 -10.49 -1.75
CA THR A 216 -10.02 -9.92 -2.65
C THR A 216 -11.27 -10.76 -2.65
N GLU A 217 -11.14 -12.04 -2.36
CA GLU A 217 -12.25 -12.99 -2.27
C GLU A 217 -12.94 -13.04 -0.91
N ALA A 218 -12.41 -12.36 0.10
CA ALA A 218 -12.88 -12.53 1.45
C ALA A 218 -14.05 -11.63 1.89
N VAL A 219 -14.38 -10.66 1.04
CA VAL A 219 -15.59 -9.88 1.20
C VAL A 219 -16.80 -10.73 0.76
N ARG A 220 -17.93 -10.40 1.35
CA ARG A 220 -19.17 -11.08 1.03
C ARG A 220 -19.45 -11.01 -0.44
N SER A 221 -20.15 -12.03 -0.95
CA SER A 221 -20.32 -12.18 -2.39
C SER A 221 -21.20 -11.06 -2.98
N SER A 222 -21.99 -10.34 -2.17
CA SER A 222 -22.76 -9.20 -2.51
C SER A 222 -22.08 -7.86 -2.56
N VAL A 223 -20.83 -7.83 -2.12
CA VAL A 223 -20.12 -6.58 -1.97
C VAL A 223 -19.42 -6.17 -3.26
N PRO A 224 -19.66 -4.92 -3.75
CA PRO A 224 -18.96 -4.49 -4.97
C PRO A 224 -17.45 -4.43 -4.74
N ARG A 225 -16.71 -4.78 -5.76
CA ARG A 225 -15.25 -4.70 -5.80
C ARG A 225 -14.87 -3.82 -6.94
N LEU A 226 -14.18 -2.70 -6.63
CA LEU A 226 -13.72 -1.77 -7.64
C LEU A 226 -12.22 -1.89 -7.79
N LEU A 227 -11.70 -2.23 -8.95
CA LEU A 227 -10.28 -2.24 -9.27
C LEU A 227 -9.91 -1.03 -10.07
N ILE A 228 -8.93 -0.23 -9.61
CA ILE A 228 -8.36 0.86 -10.36
C ILE A 228 -6.91 0.50 -10.59
N ASN A 229 -6.57 0.10 -11.80
CA ASN A 229 -5.25 -0.49 -12.10
C ASN A 229 -4.99 -0.41 -13.57
N ARG A 230 -3.76 -0.55 -14.00
CA ARG A 230 -3.44 -0.61 -15.44
CA ARG A 230 -3.44 -0.62 -15.45
CA ARG A 230 -3.46 -0.60 -15.44
C ARG A 230 -4.16 -1.78 -16.14
N ASP A 231 -4.11 -2.93 -15.49
CA ASP A 231 -4.59 -4.21 -15.97
C ASP A 231 -5.58 -4.91 -15.06
N LEU A 232 -6.46 -5.72 -15.67
CA LEU A 232 -7.33 -6.60 -14.94
C LEU A 232 -6.51 -7.79 -14.46
N VAL A 233 -6.54 -7.99 -13.13
CA VAL A 233 -5.62 -8.91 -12.47
C VAL A 233 -6.27 -9.81 -11.45
N GLY A 234 -5.57 -10.92 -11.16
CA GLY A 234 -5.95 -11.73 -10.03
C GLY A 234 -7.34 -12.26 -10.09
N PRO A 235 -7.95 -12.47 -8.94
CA PRO A 235 -9.35 -12.92 -8.94
C PRO A 235 -10.34 -12.06 -9.67
N LEU A 236 -10.00 -10.80 -9.83
CA LEU A 236 -10.85 -9.90 -10.60
C LEU A 236 -10.89 -10.26 -12.08
N ALA A 237 -9.81 -10.85 -12.56
CA ALA A 237 -9.72 -11.33 -13.93
C ALA A 237 -10.26 -12.75 -14.03
N TRP A 238 -9.95 -13.63 -13.08
CA TRP A 238 -10.20 -15.07 -13.22
C TRP A 238 -11.43 -15.54 -12.51
N HIS A 239 -11.89 -14.82 -11.46
CA HIS A 239 -13.00 -15.18 -10.65
C HIS A 239 -13.96 -13.99 -10.47
N PRO A 240 -14.41 -13.45 -11.58
CA PRO A 240 -15.31 -12.30 -11.46
C PRO A 240 -16.58 -12.57 -10.74
N ARG A 241 -17.07 -11.49 -10.11
CA ARG A 241 -18.30 -11.49 -9.35
C ARG A 241 -19.26 -10.43 -9.94
N SER A 242 -20.55 -10.64 -9.64
CA SER A 242 -21.61 -9.84 -10.17
C SER A 242 -21.44 -8.33 -10.06
N ARG A 243 -20.92 -7.87 -8.95
CA ARG A 243 -20.83 -6.44 -8.68
C ARG A 243 -19.39 -5.91 -8.78
N ASP A 244 -18.56 -6.53 -9.61
CA ASP A 244 -17.23 -6.05 -9.85
C ASP A 244 -17.20 -4.95 -10.84
N VAL A 245 -16.28 -4.01 -10.68
CA VAL A 245 -16.10 -2.94 -11.59
C VAL A 245 -14.61 -2.77 -11.86
N ALA A 246 -14.12 -2.64 -13.06
CA ALA A 246 -12.73 -2.39 -13.41
C ALA A 246 -12.56 -1.07 -14.11
N GLN A 247 -11.79 -0.18 -13.56
CA GLN A 247 -11.45 1.07 -14.15
C GLN A 247 -9.99 0.99 -14.55
N LEU A 248 -9.75 0.64 -15.81
CA LEU A 248 -8.49 0.24 -16.25
C LEU A 248 -7.81 1.45 -16.88
N GLY A 249 -6.56 1.59 -16.54
CA GLY A 249 -5.73 2.72 -17.05
C GLY A 249 -4.92 3.32 -15.89
N ASP A 250 -4.45 4.54 -16.10
CA ASP A 250 -3.63 5.20 -15.11
C ASP A 250 -4.41 5.37 -13.80
N VAL A 251 -3.76 5.16 -12.65
CA VAL A 251 -4.43 5.18 -11.38
C VAL A 251 -4.86 6.59 -11.01
N VAL A 252 -4.05 7.58 -11.38
CA VAL A 252 -4.45 8.97 -11.09
C VAL A 252 -5.70 9.32 -11.94
N HIS A 253 -5.70 8.95 -13.20
CA HIS A 253 -6.82 9.22 -14.04
C HIS A 253 -8.08 8.53 -13.48
N GLY A 254 -7.92 7.29 -13.09
CA GLY A 254 -9.04 6.55 -12.53
C GLY A 254 -9.58 7.11 -11.24
N VAL A 255 -8.68 7.46 -10.32
CA VAL A 255 -9.12 8.12 -9.10
C VAL A 255 -9.76 9.48 -9.34
N GLU A 256 -9.18 10.25 -10.24
CA GLU A 256 -9.76 11.54 -10.52
C GLU A 256 -11.17 11.42 -11.19
N SER A 257 -11.33 10.39 -11.98
CA SER A 257 -12.66 10.12 -12.60
C SER A 257 -13.65 9.75 -11.47
N LEU A 258 -13.29 8.89 -10.51
CA LEU A 258 -14.15 8.58 -9.36
C LEU A 258 -14.47 9.83 -8.60
N VAL A 259 -13.40 10.63 -8.30
CA VAL A 259 -13.63 11.84 -7.53
C VAL A 259 -14.64 12.80 -8.19
N GLU A 260 -14.50 12.94 -9.49
CA GLU A 260 -15.45 13.79 -10.28
C GLU A 260 -16.87 13.25 -10.17
N LEU A 261 -17.00 11.95 -10.33
CA LEU A 261 -18.35 11.28 -10.17
C LEU A 261 -18.95 11.42 -8.80
N LEU A 262 -18.05 11.52 -7.75
CA LEU A 262 -18.49 11.74 -6.40
C LEU A 262 -18.94 13.18 -6.12
N GLY A 263 -18.50 14.10 -6.95
CA GLY A 263 -18.67 15.53 -6.71
C GLY A 263 -17.67 16.05 -5.66
N TRP A 264 -16.52 15.44 -5.63
CA TRP A 264 -15.48 15.77 -4.64
C TRP A 264 -14.26 16.46 -5.32
N THR A 265 -14.32 16.96 -6.54
CA THR A 265 -13.17 17.46 -7.18
C THR A 265 -12.61 18.70 -6.44
N GLU A 266 -13.47 19.66 -6.15
CA GLU A 266 -13.00 20.87 -5.51
C GLU A 266 -12.40 20.59 -4.14
N GLU A 267 -13.00 19.71 -3.39
CA GLU A 267 -12.50 19.35 -2.08
C GLU A 267 -11.18 18.61 -2.20
N MET A 268 -11.01 17.75 -3.17
CA MET A 268 -9.77 17.07 -3.42
CA MET A 268 -9.73 17.06 -3.41
C MET A 268 -8.65 18.05 -3.79
N ARG A 269 -8.96 19.00 -4.65
CA ARG A 269 -8.00 20.00 -5.06
C ARG A 269 -7.52 20.81 -3.87
N ASP A 270 -8.45 21.20 -3.01
CA ASP A 270 -8.14 21.96 -1.78
CA ASP A 270 -8.10 21.97 -1.81
C ASP A 270 -7.28 21.14 -0.82
N LEU A 271 -7.62 19.87 -0.65
CA LEU A 271 -6.86 19.00 0.25
C LEU A 271 -5.45 18.83 -0.25
N VAL A 272 -5.27 18.56 -1.51
CA VAL A 272 -3.93 18.27 -2.09
C VAL A 272 -3.08 19.55 -2.01
N GLN A 273 -3.67 20.69 -2.34
N GLN A 273 -3.68 20.69 -2.31
CA GLN A 273 -2.93 21.94 -2.25
CA GLN A 273 -2.97 21.98 -2.24
C GLN A 273 -2.55 22.24 -0.79
C GLN A 273 -2.54 22.25 -0.77
N ARG A 274 -3.44 22.00 0.17
CA ARG A 274 -3.14 22.31 1.57
C ARG A 274 -2.07 21.37 2.10
N GLU A 275 -2.01 20.15 1.64
CA GLU A 275 -1.05 19.19 2.10
C GLU A 275 0.31 19.22 1.40
N THR A 276 0.30 19.54 0.12
CA THR A 276 1.44 19.41 -0.74
C THR A 276 1.79 20.64 -1.52
N GLY A 277 1.03 21.71 -1.46
CA GLY A 277 1.37 22.92 -2.22
C GLY A 277 2.48 23.72 -1.57
#